data_4ERJ
#
_entry.id   4ERJ
#
_cell.length_a   119.655
_cell.length_b   119.655
_cell.length_c   58.698
_cell.angle_alpha   90.00
_cell.angle_beta   90.00
_cell.angle_gamma   120.00
#
_symmetry.space_group_name_H-M   'P 32'
#
loop_
_entity.id
_entity.type
_entity.pdbx_description
1 polymer 'Lysine riboswitch  RNA'
2 non-polymer '6-AMINOHEXANOIC ACID'
3 water water
#
_entity_poly.entity_id   1
_entity_poly.type   'polyribonucleotide'
_entity_poly.pdbx_seq_one_letter_code
;GGACGGAGGCGCGCCCGAGAUGAGUAGGCUGUCCCAUCAGGGGAGGAAUCGGGGACGGCUGAAAGGCGAGGGCGCCGAAG
CGAGCAGAGUUCCUCCCGCUCUGCUUGGCUGGGGGUGAGGGGAAUACCCUUACCACUGUCGCGAAAGCGGAGAGCCGUCC
A
;
_entity_poly.pdbx_strand_id   A
#